data_4UYE
#
_entry.id   4UYE
#
_cell.length_a   89.060
_cell.length_b   68.120
_cell.length_c   58.750
_cell.angle_alpha   90.00
_cell.angle_beta   126.10
_cell.angle_gamma   90.00
#
_symmetry.space_group_name_H-M   'C 1 2 1'
#
loop_
_entity.id
_entity.type
_entity.pdbx_description
1 polymer PEREGRIN
2 non-polymer 1,2-ETHANEDIOL
3 non-polymer N-[1,3-dimethyl-2-oxo-6-(piperidin-1-yl)-2,3-dihydro-1H-benzimidazol-5-yl]-2-methoxybenzamide
4 water water
#
_entity_poly.entity_id   1
_entity_poly.type   'polypeptide(L)'
_entity_poly.pdbx_seq_one_letter_code
;GQQIAMEMQLTPFLILLRKTLEQLQEKDTGNIFSEPVPLSEVPDYLDHIKKPMDFFTMKQNLEAYRYLNFDDFEEDFNLI
VSNCLKYNAKDTIFYRAAVRLREQGGAVLRQARRQAEK
;
_entity_poly.pdbx_strand_id   A,B
#
loop_
_chem_comp.id
_chem_comp.type
_chem_comp.name
_chem_comp.formula
9F9 non-polymer N-[1,3-dimethyl-2-oxo-6-(piperidin-1-yl)-2,3-dihydro-1H-benzimidazol-5-yl]-2-methoxybenzamide 'C22 H26 N4 O3'
EDO non-polymer 1,2-ETHANEDIOL 'C2 H6 O2'
#
# COMPACT_ATOMS: atom_id res chain seq x y z
N GLN A 9 -21.47 -0.35 14.05
CA GLN A 9 -21.33 -0.14 15.52
C GLN A 9 -20.00 -0.67 16.07
N LEU A 10 -19.64 -0.22 17.27
CA LEU A 10 -18.33 -0.50 17.87
C LEU A 10 -18.03 -1.98 18.14
N THR A 11 -18.92 -2.71 18.81
CA THR A 11 -18.61 -4.11 19.08
C THR A 11 -18.47 -4.94 17.79
N PRO A 12 -19.41 -4.78 16.83
CA PRO A 12 -19.21 -5.53 15.58
C PRO A 12 -17.93 -5.16 14.87
N PHE A 13 -17.57 -3.88 14.92
CA PHE A 13 -16.30 -3.43 14.27
C PHE A 13 -15.08 -4.08 14.91
N LEU A 14 -15.07 -4.14 16.24
CA LEU A 14 -13.97 -4.75 16.95
C LEU A 14 -13.88 -6.24 16.68
N ILE A 15 -15.03 -6.89 16.53
CA ILE A 15 -15.02 -8.30 16.15
C ILE A 15 -14.43 -8.50 14.74
N LEU A 16 -14.80 -7.61 13.83
CA LEU A 16 -14.29 -7.63 12.47
C LEU A 16 -12.76 -7.46 12.50
N LEU A 17 -12.29 -6.48 13.26
CA LEU A 17 -10.83 -6.21 13.27
C LEU A 17 -10.05 -7.37 13.85
N ARG A 18 -10.59 -8.00 14.88
CA ARG A 18 -9.89 -9.14 15.50
C ARG A 18 -9.71 -10.25 14.48
N LYS A 19 -10.76 -10.56 13.73
CA LYS A 19 -10.68 -11.55 12.68
C LYS A 19 -9.73 -11.15 11.56
N THR A 20 -9.78 -9.87 11.17
CA THR A 20 -8.93 -9.33 10.15
C THR A 20 -7.45 -9.44 10.56
N LEU A 21 -7.16 -9.11 11.81
CA LEU A 21 -5.78 -9.21 12.31
C LEU A 21 -5.32 -10.67 12.31
N GLU A 22 -6.19 -11.58 12.71
CA GLU A 22 -5.89 -13.01 12.65
C GLU A 22 -5.54 -13.44 11.23
N GLN A 23 -6.31 -12.99 10.24
CA GLN A 23 -6.06 -13.35 8.86
C GLN A 23 -4.80 -12.71 8.30
N LEU A 24 -4.48 -11.50 8.73
CA LEU A 24 -3.25 -10.83 8.28
C LEU A 24 -2.06 -11.62 8.83
N GLN A 25 -2.12 -11.95 10.10
CA GLN A 25 -1.00 -12.67 10.74
C GLN A 25 -0.81 -14.06 10.11
N GLU A 26 -1.90 -14.64 9.63
CA GLU A 26 -1.84 -15.90 8.90
C GLU A 26 -1.00 -15.80 7.62
N LYS A 27 -0.93 -14.61 7.01
CA LYS A 27 -0.13 -14.42 5.79
C LYS A 27 1.37 -14.28 6.07
N ASP A 28 1.73 -14.09 7.33
CA ASP A 28 3.15 -14.00 7.76
C ASP A 28 3.68 -15.43 7.97
N THR A 29 3.84 -16.15 6.87
CA THR A 29 4.16 -17.57 6.95
C THR A 29 5.62 -17.79 7.33
N GLY A 30 6.45 -16.77 7.17
CA GLY A 30 7.81 -16.78 7.71
C GLY A 30 7.91 -16.45 9.20
N ASN A 31 6.80 -16.04 9.83
N ASN A 31 6.79 -16.07 9.82
CA ASN A 31 6.82 -15.65 11.22
CA ASN A 31 6.75 -15.65 11.21
C ASN A 31 7.87 -14.56 11.45
C ASN A 31 7.83 -14.61 11.49
N ILE A 32 7.93 -13.64 10.48
N ILE A 32 7.95 -13.65 10.56
CA ILE A 32 8.88 -12.55 10.40
CA ILE A 32 8.92 -12.56 10.63
C ILE A 32 8.36 -11.24 11.02
C ILE A 32 8.36 -11.26 11.16
N PHE A 33 7.03 -11.10 11.10
CA PHE A 33 6.40 -9.84 11.48
C PHE A 33 5.57 -9.99 12.73
N SER A 34 5.77 -11.07 13.48
CA SER A 34 4.87 -11.34 14.59
C SER A 34 5.41 -10.97 15.97
N GLU A 35 6.61 -10.38 16.02
CA GLU A 35 7.10 -9.69 17.21
C GLU A 35 7.96 -8.52 16.78
N PRO A 36 8.19 -7.55 17.68
CA PRO A 36 9.08 -6.44 17.31
C PRO A 36 10.44 -6.88 16.76
N VAL A 37 10.94 -6.14 15.76
CA VAL A 37 12.31 -6.32 15.28
C VAL A 37 13.22 -6.15 16.51
N PRO A 38 14.07 -7.15 16.81
CA PRO A 38 14.87 -7.11 18.04
C PRO A 38 16.12 -6.24 17.93
N LEU A 39 16.17 -5.18 18.74
CA LEU A 39 17.26 -4.23 18.65
C LEU A 39 18.60 -4.83 19.06
N SER A 40 18.57 -5.85 19.91
CA SER A 40 19.79 -6.57 20.31
C SER A 40 20.42 -7.28 19.12
N GLU A 41 19.61 -7.63 18.11
CA GLU A 41 20.15 -8.28 16.91
C GLU A 41 20.25 -7.36 15.69
N VAL A 42 19.50 -6.25 15.70
CA VAL A 42 19.46 -5.27 14.63
C VAL A 42 19.65 -3.91 15.26
N PRO A 43 20.88 -3.64 15.75
CA PRO A 43 21.08 -2.48 16.61
C PRO A 43 20.90 -1.09 15.95
N ASP A 44 20.99 -1.01 14.63
CA ASP A 44 20.84 0.27 13.95
C ASP A 44 19.40 0.49 13.43
N TYR A 45 18.47 -0.35 13.84
CA TYR A 45 17.12 -0.30 13.27
C TYR A 45 16.47 1.07 13.52
N LEU A 46 16.64 1.62 14.71
CA LEU A 46 16.01 2.91 15.05
C LEU A 46 16.78 4.10 14.49
N ASP A 47 17.95 3.88 13.90
CA ASP A 47 18.63 4.95 13.18
C ASP A 47 17.86 5.31 11.90
N HIS A 48 17.06 4.37 11.40
CA HIS A 48 16.36 4.51 10.14
C HIS A 48 14.85 4.50 10.22
N ILE A 49 14.30 3.91 11.28
CA ILE A 49 12.85 3.66 11.37
C ILE A 49 12.27 4.47 12.54
N LYS A 50 11.36 5.38 12.22
CA LYS A 50 10.77 6.27 13.24
C LYS A 50 9.83 5.53 14.18
N LYS A 51 9.00 4.65 13.62
CA LYS A 51 7.97 3.97 14.39
C LYS A 51 7.84 2.50 14.02
N PRO A 52 8.51 1.63 14.78
CA PRO A 52 8.43 0.18 14.61
C PRO A 52 7.02 -0.35 14.81
N MET A 53 6.70 -1.40 14.07
CA MET A 53 5.42 -2.07 14.22
C MET A 53 5.53 -3.56 13.88
N ASP A 54 4.67 -4.34 14.50
CA ASP A 54 4.60 -5.78 14.29
C ASP A 54 3.22 -6.24 14.70
N PHE A 55 2.89 -7.48 14.40
CA PHE A 55 1.54 -7.98 14.66
C PHE A 55 1.22 -8.17 16.15
N PHE A 56 2.23 -8.46 16.97
CA PHE A 56 1.95 -8.59 18.41
C PHE A 56 1.59 -7.21 18.98
N THR A 57 2.31 -6.19 18.57
CA THR A 57 2.01 -4.82 18.97
C THR A 57 0.60 -4.38 18.49
N MET A 58 0.24 -4.76 17.27
CA MET A 58 -1.11 -4.48 16.77
C MET A 58 -2.16 -5.19 17.61
N LYS A 59 -1.88 -6.41 18.03
CA LYS A 59 -2.86 -7.16 18.84
C LYS A 59 -3.02 -6.47 20.20
N GLN A 60 -1.91 -5.99 20.77
CA GLN A 60 -1.97 -5.26 22.04
C GLN A 60 -2.79 -3.99 21.90
N ASN A 61 -2.55 -3.27 20.81
CA ASN A 61 -3.29 -2.05 20.50
C ASN A 61 -4.78 -2.33 20.31
N LEU A 62 -5.11 -3.40 19.59
CA LEU A 62 -6.51 -3.77 19.33
C LEU A 62 -7.21 -4.09 20.65
N GLU A 63 -6.54 -4.84 21.51
CA GLU A 63 -7.17 -5.25 22.78
C GLU A 63 -7.27 -4.10 23.80
N ALA A 64 -6.51 -3.02 23.58
CA ALA A 64 -6.57 -1.81 24.39
C ALA A 64 -7.50 -0.75 23.79
N TYR A 65 -8.30 -1.12 22.79
CA TYR A 65 -9.28 -0.23 22.18
C TYR A 65 -8.64 0.98 21.48
N ARG A 66 -7.46 0.79 20.92
CA ARG A 66 -6.80 1.91 20.25
C ARG A 66 -7.14 2.03 18.76
N TYR A 67 -7.81 1.03 18.18
CA TYR A 67 -8.24 1.09 16.79
C TYR A 67 -9.76 1.16 16.80
N LEU A 68 -10.28 2.37 16.68
CA LEU A 68 -11.73 2.58 16.62
C LEU A 68 -12.18 2.98 15.22
N ASN A 69 -11.25 2.95 14.26
CA ASN A 69 -11.63 3.13 12.84
C ASN A 69 -10.66 2.36 11.98
N PHE A 70 -11.07 2.11 10.74
CA PHE A 70 -10.36 1.17 9.91
C PHE A 70 -9.05 1.79 9.45
N ASP A 71 -9.04 3.10 9.20
CA ASP A 71 -7.81 3.78 8.75
C ASP A 71 -6.64 3.66 9.73
N ASP A 72 -6.90 3.83 11.02
CA ASP A 72 -5.86 3.70 12.06
C ASP A 72 -5.28 2.28 12.09
N PHE A 73 -6.14 1.28 11.89
CA PHE A 73 -5.71 -0.12 11.83
C PHE A 73 -4.84 -0.38 10.60
N GLU A 74 -5.35 0.06 9.45
CA GLU A 74 -4.68 -0.14 8.15
C GLU A 74 -3.33 0.58 8.14
N GLU A 75 -3.24 1.72 8.83
CA GLU A 75 -2.01 2.51 8.87
C GLU A 75 -0.87 1.72 9.54
N ASP A 76 -1.21 1.06 10.65
CA ASP A 76 -0.23 0.27 11.38
C ASP A 76 0.21 -0.96 10.59
N PHE A 77 -0.72 -1.59 9.89
CA PHE A 77 -0.34 -2.68 8.98
C PHE A 77 0.63 -2.18 7.93
N ASN A 78 0.35 -1.00 7.39
CA ASN A 78 1.16 -0.45 6.32
C ASN A 78 2.57 -0.14 6.82
N LEU A 79 2.71 0.22 8.09
CA LEU A 79 4.02 0.44 8.72
C LEU A 79 4.83 -0.83 8.81
N ILE A 80 4.19 -1.96 9.13
CA ILE A 80 4.90 -3.24 9.20
C ILE A 80 5.60 -3.47 7.88
N VAL A 81 4.87 -3.29 6.79
CA VAL A 81 5.43 -3.47 5.44
C VAL A 81 6.45 -2.40 5.06
N SER A 82 6.09 -1.13 5.24
N SER A 82 6.11 -1.12 5.22
CA SER A 82 6.90 -0.01 4.77
CA SER A 82 6.96 -0.04 4.70
C SER A 82 8.24 0.06 5.48
C SER A 82 8.27 0.09 5.48
N ASN A 83 8.21 -0.17 6.78
CA ASN A 83 9.43 -0.17 7.62
C ASN A 83 10.40 -1.21 7.08
N CYS A 84 9.88 -2.39 6.77
CA CYS A 84 10.69 -3.50 6.31
C CYS A 84 11.33 -3.26 4.93
N LEU A 85 10.54 -2.68 4.01
CA LEU A 85 11.06 -2.31 2.70
C LEU A 85 12.10 -1.21 2.84
N LYS A 86 11.92 -0.30 3.79
CA LYS A 86 12.85 0.82 3.97
C LYS A 86 14.18 0.34 4.53
N TYR A 87 14.13 -0.45 5.60
CA TYR A 87 15.35 -0.84 6.31
C TYR A 87 16.21 -1.82 5.53
N ASN A 88 15.57 -2.80 4.89
CA ASN A 88 16.27 -3.90 4.25
C ASN A 88 16.58 -3.74 2.79
N ALA A 89 17.75 -4.24 2.38
CA ALA A 89 18.10 -4.27 0.98
C ALA A 89 17.14 -5.17 0.18
N LYS A 90 16.98 -4.87 -1.11
CA LYS A 90 16.04 -5.62 -1.93
C LYS A 90 16.29 -7.11 -1.93
N ASP A 91 17.57 -7.51 -1.96
CA ASP A 91 17.92 -8.92 -2.04
C ASP A 91 18.05 -9.50 -0.64
N THR A 92 16.95 -9.50 0.10
CA THR A 92 16.96 -10.09 1.43
C THR A 92 15.62 -10.80 1.63
N ILE A 93 15.63 -11.79 2.53
CA ILE A 93 14.41 -12.49 2.91
C ILE A 93 13.36 -11.51 3.46
N PHE A 94 13.82 -10.51 4.20
CA PHE A 94 12.94 -9.54 4.83
C PHE A 94 12.17 -8.69 3.80
N TYR A 95 12.89 -8.10 2.87
CA TYR A 95 12.29 -7.32 1.80
C TYR A 95 11.31 -8.18 0.98
N ARG A 96 11.72 -9.37 0.57
CA ARG A 96 10.88 -10.26 -0.21
C ARG A 96 9.59 -10.66 0.54
N ALA A 97 9.74 -10.94 1.83
CA ALA A 97 8.58 -11.24 2.68
C ALA A 97 7.63 -10.07 2.79
N ALA A 98 8.16 -8.85 2.93
CA ALA A 98 7.31 -7.66 3.01
C ALA A 98 6.55 -7.39 1.73
N VAL A 99 7.17 -7.60 0.57
CA VAL A 99 6.47 -7.43 -0.70
C VAL A 99 5.31 -8.42 -0.78
N ARG A 100 5.54 -9.66 -0.34
CA ARG A 100 4.49 -10.66 -0.35
C ARG A 100 3.37 -10.32 0.61
N LEU A 101 3.73 -9.86 1.79
CA LEU A 101 2.73 -9.46 2.79
C LEU A 101 1.88 -8.28 2.29
N ARG A 102 2.51 -7.32 1.62
CA ARG A 102 1.79 -6.17 1.06
C ARG A 102 0.69 -6.68 0.13
N GLU A 103 1.05 -7.63 -0.75
CA GLU A 103 0.07 -8.19 -1.70
C GLU A 103 -1.03 -8.98 -1.00
N GLN A 104 -0.64 -9.94 -0.19
CA GLN A 104 -1.61 -10.87 0.40
C GLN A 104 -2.40 -10.18 1.52
N GLY A 105 -1.73 -9.37 2.33
CA GLY A 105 -2.41 -8.55 3.35
C GLY A 105 -3.33 -7.49 2.76
N GLY A 106 -2.91 -6.90 1.65
CA GLY A 106 -3.76 -5.98 0.90
C GLY A 106 -5.11 -6.58 0.57
N ALA A 107 -5.10 -7.83 0.09
CA ALA A 107 -6.33 -8.55 -0.26
C ALA A 107 -7.25 -8.75 0.95
N VAL A 108 -6.68 -9.14 2.07
CA VAL A 108 -7.42 -9.29 3.32
C VAL A 108 -8.09 -7.98 3.75
N LEU A 109 -7.34 -6.88 3.67
CA LEU A 109 -7.88 -5.60 4.11
C LEU A 109 -8.99 -5.09 3.17
N ARG A 110 -8.87 -5.36 1.89
CA ARG A 110 -9.91 -4.95 0.93
C ARG A 110 -11.21 -5.66 1.27
N GLN A 111 -11.13 -6.95 1.57
CA GLN A 111 -12.33 -7.72 1.91
C GLN A 111 -12.91 -7.23 3.22
N ALA A 112 -12.03 -6.97 4.19
CA ALA A 112 -12.49 -6.53 5.51
C ALA A 112 -13.18 -5.17 5.41
N ARG A 113 -12.61 -4.28 4.60
CA ARG A 113 -13.18 -2.96 4.45
C ARG A 113 -14.56 -3.02 3.81
N ARG A 114 -14.76 -3.92 2.84
CA ARG A 114 -16.07 -4.10 2.22
C ARG A 114 -17.07 -4.54 3.27
N GLN A 115 -16.63 -5.39 4.19
CA GLN A 115 -17.50 -5.81 5.30
C GLN A 115 -17.87 -4.68 6.24
N ALA A 116 -16.91 -3.81 6.56
CA ALA A 116 -17.08 -2.71 7.51
C ALA A 116 -17.95 -1.57 6.95
N GLU A 117 -18.02 -1.48 5.62
CA GLU A 117 -18.79 -0.43 4.94
C GLU A 117 -20.21 -0.90 4.63
N GLN B 9 -26.13 6.61 -8.78
CA GLN B 9 -24.98 6.22 -7.92
C GLN B 9 -23.70 6.33 -8.75
N LEU B 10 -23.71 5.81 -9.96
CA LEU B 10 -22.49 5.72 -10.74
C LEU B 10 -21.93 7.08 -11.13
N THR B 11 -22.76 8.00 -11.59
CA THR B 11 -22.20 9.24 -12.09
C THR B 11 -21.50 10.06 -10.98
N PRO B 12 -22.12 10.20 -9.81
CA PRO B 12 -21.43 10.86 -8.71
C PRO B 12 -20.10 10.18 -8.31
N PHE B 13 -20.10 8.86 -8.36
CA PHE B 13 -18.89 8.10 -8.03
C PHE B 13 -17.78 8.39 -9.02
N LEU B 14 -18.12 8.41 -10.31
CA LEU B 14 -17.11 8.69 -11.35
C LEU B 14 -16.56 10.11 -11.24
N ILE B 15 -17.41 11.06 -10.83
CA ILE B 15 -16.97 12.41 -10.55
C ILE B 15 -15.96 12.39 -9.39
N LEU B 16 -16.25 11.62 -8.35
CA LEU B 16 -15.34 11.46 -7.22
C LEU B 16 -13.99 10.92 -7.71
N LEU B 17 -14.05 9.87 -8.54
CA LEU B 17 -12.81 9.26 -9.02
C LEU B 17 -12.04 10.23 -9.88
N ARG B 18 -12.70 11.00 -10.72
CA ARG B 18 -11.98 11.92 -11.58
C ARG B 18 -11.21 12.95 -10.75
N LYS B 19 -11.85 13.47 -9.71
CA LYS B 19 -11.22 14.46 -8.86
C LYS B 19 -10.04 13.79 -8.10
N THR B 20 -10.26 12.57 -7.64
CA THR B 20 -9.25 11.83 -6.89
C THR B 20 -8.02 11.61 -7.78
N LEU B 21 -8.26 11.24 -9.04
CA LEU B 21 -7.16 11.00 -9.98
C LEU B 21 -6.37 12.28 -10.23
N GLU B 22 -7.05 13.42 -10.35
CA GLU B 22 -6.38 14.71 -10.49
C GLU B 22 -5.50 14.99 -9.29
N GLN B 23 -6.02 14.72 -8.10
CA GLN B 23 -5.27 14.94 -6.87
C GLN B 23 -4.05 14.03 -6.78
N LEU B 24 -4.20 12.78 -7.19
CA LEU B 24 -3.08 11.84 -7.20
C LEU B 24 -2.00 12.28 -8.18
N GLN B 25 -2.41 12.69 -9.38
N GLN B 25 -2.40 12.68 -9.38
CA GLN B 25 -1.46 13.04 -10.43
CA GLN B 25 -1.42 13.03 -10.40
C GLN B 25 -0.68 14.31 -10.08
C GLN B 25 -0.65 14.28 -9.99
N GLU B 26 -1.31 15.18 -9.27
CA GLU B 26 -0.63 16.37 -8.75
C GLU B 26 0.56 16.01 -7.85
N LYS B 27 0.54 14.82 -7.24
CA LYS B 27 1.66 14.36 -6.41
C LYS B 27 2.85 13.86 -7.21
N ASP B 28 2.68 13.66 -8.51
CA ASP B 28 3.77 13.26 -9.39
C ASP B 28 4.56 14.51 -9.78
N THR B 29 5.35 15.02 -8.82
CA THR B 29 5.98 16.33 -8.96
C THR B 29 7.14 16.29 -9.94
N GLY B 30 7.67 15.10 -10.18
CA GLY B 30 8.74 14.93 -11.16
C GLY B 30 8.24 14.59 -12.56
N ASN B 31 6.94 14.38 -12.70
CA ASN B 31 6.34 14.05 -13.98
C ASN B 31 6.96 12.76 -14.54
N ILE B 32 7.11 11.78 -13.65
CA ILE B 32 7.71 10.47 -13.93
C ILE B 32 6.68 9.38 -14.16
N PHE B 33 5.46 9.60 -13.67
CA PHE B 33 4.43 8.56 -13.62
C PHE B 33 3.21 8.91 -14.46
N SER B 34 3.33 9.92 -15.32
CA SER B 34 2.15 10.45 -16.01
C SER B 34 2.03 10.03 -17.47
N GLU B 35 2.90 9.13 -17.91
CA GLU B 35 2.78 8.47 -19.19
C GLU B 35 3.39 7.08 -19.03
N PRO B 36 3.06 6.14 -19.93
CA PRO B 36 3.64 4.81 -19.77
C PRO B 36 5.16 4.82 -19.77
N VAL B 37 5.78 3.95 -18.96
CA VAL B 37 7.23 3.80 -18.99
C VAL B 37 7.64 3.57 -20.46
N PRO B 38 8.58 4.37 -20.97
CA PRO B 38 8.84 4.33 -22.42
C PRO B 38 9.67 3.13 -22.85
N LEU B 39 9.11 2.23 -23.62
CA LEU B 39 9.83 1.01 -23.98
C LEU B 39 11.04 1.25 -24.90
N SER B 40 11.06 2.37 -25.60
CA SER B 40 12.23 2.75 -26.41
C SER B 40 13.47 2.94 -25.55
N GLU B 41 13.28 3.45 -24.33
CA GLU B 41 14.36 3.70 -23.41
C GLU B 41 14.50 2.61 -22.36
N VAL B 42 13.45 1.83 -22.12
CA VAL B 42 13.44 0.75 -21.14
C VAL B 42 12.94 -0.51 -21.84
N PRO B 43 13.72 -1.00 -22.83
CA PRO B 43 13.17 -2.03 -23.70
C PRO B 43 12.89 -3.38 -23.04
N ASP B 44 13.47 -3.64 -21.86
CA ASP B 44 13.23 -4.87 -21.12
C ASP B 44 12.10 -4.81 -20.09
N TYR B 45 11.40 -3.68 -20.05
CA TYR B 45 10.45 -3.44 -18.96
C TYR B 45 9.39 -4.53 -18.87
N LEU B 46 8.83 -4.94 -20.00
CA LEU B 46 7.75 -5.93 -20.03
C LEU B 46 8.23 -7.35 -19.70
N ASP B 47 9.53 -7.62 -19.79
CA ASP B 47 10.01 -8.94 -19.35
C ASP B 47 9.99 -9.05 -17.82
N HIS B 48 9.88 -7.91 -17.12
CA HIS B 48 9.86 -7.88 -15.66
C HIS B 48 8.54 -7.49 -15.04
N ILE B 49 7.76 -6.63 -15.69
CA ILE B 49 6.52 -6.05 -15.14
C ILE B 49 5.33 -6.55 -15.97
N LYS B 50 4.42 -7.24 -15.30
CA LYS B 50 3.31 -7.87 -16.00
C LYS B 50 2.20 -6.92 -16.36
N LYS B 51 1.93 -5.91 -15.53
CA LYS B 51 0.88 -4.94 -15.84
C LYS B 51 1.38 -3.52 -15.62
N PRO B 52 2.02 -2.92 -16.65
CA PRO B 52 2.42 -1.53 -16.57
C PRO B 52 1.24 -0.62 -16.25
N MET B 53 1.50 0.46 -15.51
CA MET B 53 0.47 1.44 -15.21
C MET B 53 1.07 2.84 -15.05
N ASP B 54 0.24 3.85 -15.32
CA ASP B 54 0.63 5.24 -15.21
C ASP B 54 -0.64 6.07 -15.15
N PHE B 55 -0.51 7.35 -14.82
CA PHE B 55 -1.71 8.20 -14.65
C PHE B 55 -2.46 8.46 -15.95
N PHE B 56 -1.78 8.53 -17.08
CA PHE B 56 -2.52 8.71 -18.35
C PHE B 56 -3.38 7.46 -18.63
N THR B 57 -2.78 6.29 -18.45
CA THR B 57 -3.51 5.04 -18.58
C THR B 57 -4.68 4.96 -17.60
N MET B 58 -4.49 5.39 -16.35
CA MET B 58 -5.62 5.44 -15.41
C MET B 58 -6.74 6.35 -15.89
N LYS B 59 -6.40 7.49 -16.47
CA LYS B 59 -7.42 8.43 -16.95
C LYS B 59 -8.21 7.76 -18.09
N GLN B 60 -7.51 7.08 -19.00
CA GLN B 60 -8.16 6.35 -20.11
C GLN B 60 -9.11 5.27 -19.57
N ASN B 61 -8.65 4.54 -18.56
CA ASN B 61 -9.45 3.50 -17.92
C ASN B 61 -10.70 4.07 -17.26
N LEU B 62 -10.57 5.21 -16.60
CA LEU B 62 -11.68 5.86 -15.91
C LEU B 62 -12.74 6.28 -16.95
N GLU B 63 -12.27 6.87 -18.05
CA GLU B 63 -13.16 7.33 -19.14
C GLU B 63 -13.78 6.19 -19.91
N ALA B 64 -13.19 5.00 -19.82
CA ALA B 64 -13.74 3.79 -20.43
C ALA B 64 -14.57 2.92 -19.49
N TYR B 65 -15.05 3.50 -18.39
CA TYR B 65 -15.88 2.78 -17.44
C TYR B 65 -15.24 1.51 -16.89
N ARG B 66 -13.91 1.52 -16.75
CA ARG B 66 -13.21 0.35 -16.22
C ARG B 66 -13.11 0.34 -14.70
N TYR B 67 -13.39 1.47 -14.04
CA TYR B 67 -13.41 1.56 -12.58
C TYR B 67 -14.83 1.83 -12.12
N LEU B 68 -15.50 0.77 -11.69
CA LEU B 68 -16.86 0.88 -11.21
C LEU B 68 -16.95 0.68 -9.70
N ASN B 69 -15.79 0.53 -9.03
CA ASN B 69 -15.70 0.52 -7.58
C ASN B 69 -14.36 1.11 -7.18
N PHE B 70 -14.22 1.45 -5.91
CA PHE B 70 -13.04 2.17 -5.46
C PHE B 70 -11.84 1.23 -5.45
N ASP B 71 -12.06 -0.05 -5.18
CA ASP B 71 -10.93 -0.99 -5.07
C ASP B 71 -10.16 -1.15 -6.37
N ASP B 72 -10.86 -1.25 -7.50
CA ASP B 72 -10.20 -1.43 -8.78
C ASP B 72 -9.39 -0.20 -9.16
N PHE B 73 -9.90 0.99 -8.85
CA PHE B 73 -9.13 2.24 -8.99
C PHE B 73 -7.85 2.26 -8.12
N GLU B 74 -8.01 1.92 -6.84
CA GLU B 74 -6.90 2.00 -5.91
C GLU B 74 -5.85 0.95 -6.26
N GLU B 75 -6.28 -0.22 -6.73
CA GLU B 75 -5.31 -1.26 -7.15
C GLU B 75 -4.43 -0.80 -8.32
N ASP B 76 -4.99 -0.06 -9.27
CA ASP B 76 -4.17 0.49 -10.33
C ASP B 76 -3.19 1.56 -9.87
N PHE B 77 -3.61 2.44 -8.97
CA PHE B 77 -2.65 3.38 -8.39
C PHE B 77 -1.50 2.61 -7.71
N ASN B 78 -1.85 1.55 -6.98
CA ASN B 78 -0.86 0.76 -6.25
C ASN B 78 0.15 0.10 -7.20
N LEU B 79 -0.29 -0.21 -8.42
CA LEU B 79 0.61 -0.76 -9.46
C LEU B 79 1.62 0.26 -9.93
N ILE B 80 1.21 1.52 -10.11
CA ILE B 80 2.17 2.58 -10.49
C ILE B 80 3.34 2.53 -9.52
N VAL B 81 3.02 2.44 -8.24
CA VAL B 81 4.06 2.43 -7.20
C VAL B 81 4.80 1.10 -7.15
N SER B 82 4.07 0.00 -7.08
N SER B 82 4.07 -0.01 -7.08
CA SER B 82 4.69 -1.32 -6.92
CA SER B 82 4.74 -1.32 -6.91
C SER B 82 5.60 -1.71 -8.09
C SER B 82 5.60 -1.75 -8.11
N ASN B 83 5.15 -1.44 -9.31
CA ASN B 83 5.92 -1.74 -10.52
C ASN B 83 7.25 -1.00 -10.43
N CYS B 84 7.20 0.25 -9.99
CA CYS B 84 8.41 1.08 -9.95
C CYS B 84 9.38 0.60 -8.89
N LEU B 85 8.87 0.21 -7.73
CA LEU B 85 9.71 -0.36 -6.68
C LEU B 85 10.32 -1.70 -7.10
N LYS B 86 9.60 -2.47 -7.90
CA LYS B 86 10.09 -3.77 -8.34
C LYS B 86 11.18 -3.61 -9.39
N TYR B 87 10.92 -2.78 -10.40
CA TYR B 87 11.86 -2.69 -11.54
C TYR B 87 13.19 -2.01 -11.16
N ASN B 88 13.11 -0.95 -10.38
CA ASN B 88 14.25 -0.06 -10.11
C ASN B 88 15.00 -0.38 -8.84
N ALA B 89 16.32 -0.22 -8.88
CA ALA B 89 17.14 -0.33 -7.68
C ALA B 89 16.78 0.78 -6.66
N LYS B 90 17.00 0.53 -5.37
CA LYS B 90 16.65 1.51 -4.33
C LYS B 90 17.33 2.85 -4.54
N ASP B 91 18.60 2.84 -4.96
CA ASP B 91 19.34 4.07 -5.15
C ASP B 91 19.13 4.64 -6.56
N THR B 92 17.88 4.92 -6.87
CA THR B 92 17.49 5.57 -8.12
C THR B 92 16.42 6.64 -7.84
N ILE B 93 16.39 7.65 -8.71
CA ILE B 93 15.33 8.66 -8.67
C ILE B 93 13.95 8.00 -8.74
N PHE B 94 13.82 6.96 -9.55
CA PHE B 94 12.54 6.27 -9.74
C PHE B 94 12.01 5.66 -8.44
N TYR B 95 12.82 4.84 -7.80
CA TYR B 95 12.44 4.22 -6.54
C TYR B 95 12.06 5.28 -5.48
N ARG B 96 12.92 6.28 -5.28
CA ARG B 96 12.66 7.36 -4.31
C ARG B 96 11.36 8.11 -4.60
N ALA B 97 11.12 8.40 -5.88
CA ALA B 97 9.89 9.07 -6.31
C ALA B 97 8.66 8.20 -6.03
N ALA B 98 8.77 6.89 -6.20
CA ALA B 98 7.64 5.99 -5.99
C ALA B 98 7.32 5.90 -4.51
N VAL B 99 8.33 5.90 -3.66
CA VAL B 99 8.08 5.90 -2.22
C VAL B 99 7.37 7.19 -1.80
N ARG B 100 7.80 8.33 -2.35
CA ARG B 100 7.14 9.60 -2.02
C ARG B 100 5.71 9.60 -2.53
N LEU B 101 5.50 9.05 -3.72
CA LEU B 101 4.15 8.99 -4.30
C LEU B 101 3.24 8.09 -3.46
N ARG B 102 3.77 6.97 -2.98
CA ARG B 102 2.98 6.07 -2.14
C ARG B 102 2.50 6.82 -0.88
N GLU B 103 3.42 7.58 -0.29
CA GLU B 103 3.15 8.34 0.93
C GLU B 103 2.09 9.41 0.69
N GLN B 104 2.31 10.25 -0.31
CA GLN B 104 1.42 11.37 -0.58
C GLN B 104 0.11 10.91 -1.18
N GLY B 105 0.14 9.86 -1.98
CA GLY B 105 -1.07 9.31 -2.61
C GLY B 105 -1.98 8.57 -1.65
N GLY B 106 -1.41 7.80 -0.74
CA GLY B 106 -2.18 7.16 0.31
C GLY B 106 -3.11 8.11 1.05
N ALA B 107 -2.62 9.29 1.36
CA ALA B 107 -3.39 10.30 2.08
C ALA B 107 -4.58 10.80 1.25
N VAL B 108 -4.34 11.02 -0.04
CA VAL B 108 -5.40 11.40 -0.98
C VAL B 108 -6.49 10.30 -1.03
N LEU B 109 -6.05 9.04 -1.12
CA LEU B 109 -7.00 7.92 -1.24
C LEU B 109 -7.81 7.69 0.03
N ARG B 110 -7.18 7.86 1.20
CA ARG B 110 -7.89 7.67 2.45
C ARG B 110 -9.01 8.66 2.55
N GLN B 111 -8.74 9.91 2.19
CA GLN B 111 -9.77 10.95 2.21
C GLN B 111 -10.87 10.69 1.18
N ALA B 112 -10.47 10.28 -0.01
CA ALA B 112 -11.44 10.03 -1.08
C ALA B 112 -12.36 8.87 -0.70
N ARG B 113 -11.80 7.86 -0.06
CA ARG B 113 -12.58 6.69 0.32
C ARG B 113 -13.61 7.07 1.41
N ARG B 114 -13.23 7.97 2.31
CA ARG B 114 -14.16 8.45 3.34
C ARG B 114 -15.29 9.27 2.72
N GLN B 115 -14.97 10.00 1.66
CA GLN B 115 -15.98 10.76 0.90
C GLN B 115 -16.94 9.83 0.14
N ALA B 116 -16.45 8.69 -0.33
CA ALA B 116 -17.33 7.68 -0.93
C ALA B 116 -18.02 6.92 0.20
N GLU B 117 -19.32 7.16 0.42
CA GLU B 117 -20.04 6.58 1.56
C GLU B 117 -19.59 7.21 2.88
C1 EDO C . 3.18 4.37 4.98
O1 EDO C . 3.43 3.22 5.81
C2 EDO C . 3.69 4.13 3.56
O2 EDO C . 3.59 5.32 2.77
C01 9F9 D . 14.55 -12.72 17.11
O05 9F9 D . 15.24 -12.27 15.95
C06 9F9 D . 16.54 -12.67 15.79
C07 9F9 D . 17.14 -13.56 16.67
C09 9F9 D . 18.46 -13.93 16.47
C11 9F9 D . 19.16 -13.43 15.40
C13 9F9 D . 18.57 -12.54 14.51
C15 9F9 D . 17.24 -12.14 14.70
C16 9F9 D . 16.74 -11.17 13.65
O17 9F9 D . 17.49 -10.60 12.89
N18 9F9 D . 15.41 -10.97 13.62
C20 9F9 D . 14.58 -10.17 12.78
C21 9F9 D . 15.10 -9.10 12.05
C23 9F9 D . 14.26 -8.37 11.23
N24 9F9 D . 14.46 -7.26 10.40
C25 9F9 D . 15.74 -6.62 10.09
C29 9F9 D . 13.25 -6.89 9.84
O30 9F9 D . 13.07 -5.97 9.07
N31 9F9 D . 12.30 -7.74 10.35
C32 9F9 D . 10.87 -7.68 10.02
C36 9F9 D . 12.90 -8.65 11.22
C37 9F9 D . 12.41 -9.67 11.94
C39 9F9 D . 13.21 -10.49 12.79
N40 9F9 D . 12.67 -11.55 13.50
C41 9F9 D . 12.94 -12.84 12.86
C44 9F9 D . 12.75 -14.00 13.81
C47 9F9 D . 11.39 -13.92 14.48
C50 9F9 D . 11.16 -12.57 15.11
C53 9F9 D . 11.37 -11.45 14.12
C01 9F9 E . 11.36 9.59 -21.82
O05 9F9 E . 12.11 8.81 -20.87
C06 9F9 E . 13.46 8.77 -21.01
C07 9F9 E . 14.13 9.55 -21.96
C09 9F9 E . 15.51 9.47 -22.05
C11 9F9 E . 16.21 8.61 -21.24
C13 9F9 E . 15.56 7.82 -20.31
C15 9F9 E . 14.17 7.87 -20.20
C16 9F9 E . 13.60 6.98 -19.12
O17 9F9 E . 14.31 6.17 -18.54
N18 9F9 E . 12.31 7.18 -18.79
C20 9F9 E . 11.52 6.60 -17.74
C21 9F9 E . 11.93 5.41 -17.15
C23 9F9 E . 11.18 4.89 -16.10
N24 9F9 E . 11.32 3.75 -15.34
C25 9F9 E . 12.36 2.73 -15.46
C29 9F9 E . 10.29 3.70 -14.40
O30 9F9 E . 10.12 2.84 -13.56
N31 9F9 E . 9.53 4.83 -14.60
C32 9F9 E . 8.34 5.17 -13.81
C36 9F9 E . 10.06 5.58 -15.65
C37 9F9 E . 9.69 6.76 -16.25
C39 9F9 E . 10.40 7.34 -17.32
N40 9F9 E . 10.04 8.57 -17.87
C41 9F9 E . 10.91 9.67 -17.41
C44 9F9 E . 10.75 10.91 -18.26
C47 9F9 E . 9.28 11.26 -18.43
C50 9F9 E . 8.51 10.08 -18.96
C53 9F9 E . 8.64 8.91 -18.04
#